data_7C12
#
_entry.id   7C12
#
_cell.length_a   67.547
_cell.length_b   67.547
_cell.length_c   72.616
_cell.angle_alpha   90.000
_cell.angle_beta   90.000
_cell.angle_gamma   120.000
#
_symmetry.space_group_name_H-M   'P 31'
#
_entity_poly.entity_id   1
_entity_poly.type   'polypeptide(L)'
_entity_poly.pdbx_seq_one_letter_code
;MAKEVIVYTSNTCPHSFTVKEFLSENNVEFTEKNIQTDAAARKELMKKGIMAVPVIQIDEEVVVGFDRDKIEELLGLEHH
HHHH
;
_entity_poly.pdbx_strand_id   A,B,C,D
#
# COMPACT_ATOMS: atom_id res chain seq x y z
N GLU A 4 -23.77 -8.89 -15.19
CA GLU A 4 -22.51 -9.60 -15.25
C GLU A 4 -21.37 -8.73 -14.72
N VAL A 5 -21.73 -7.58 -14.17
CA VAL A 5 -20.76 -6.58 -13.70
C VAL A 5 -20.58 -6.74 -12.20
N ILE A 6 -19.33 -6.85 -11.76
CA ILE A 6 -18.99 -6.94 -10.35
C ILE A 6 -18.07 -5.77 -10.02
N VAL A 7 -18.45 -4.99 -9.00
CA VAL A 7 -17.72 -3.79 -8.60
C VAL A 7 -17.22 -4.00 -7.17
N TYR A 8 -15.91 -4.03 -7.00
CA TYR A 8 -15.29 -4.12 -5.69
C TYR A 8 -15.05 -2.70 -5.16
N THR A 9 -15.71 -2.36 -4.05
CA THR A 9 -15.67 -1.00 -3.54
C THR A 9 -15.19 -0.98 -2.09
N SER A 10 -15.02 0.22 -1.56
CA SER A 10 -14.73 0.45 -0.16
C SER A 10 -15.14 1.87 0.19
N ASN A 11 -15.72 2.05 1.39
CA ASN A 11 -16.22 3.34 1.82
C ASN A 11 -15.12 4.38 2.05
N THR A 12 -13.86 3.96 2.09
CA THR A 12 -12.79 4.87 2.46
C THR A 12 -12.54 5.91 1.37
N CYS A 13 -12.69 5.52 0.10
CA CYS A 13 -12.22 6.40 -0.95
C CYS A 13 -13.27 6.62 -2.02
N PRO A 14 -13.25 7.78 -2.67
CA PRO A 14 -14.42 8.22 -3.45
C PRO A 14 -14.54 7.63 -4.85
N HIS A 15 -13.46 7.11 -5.43
CA HIS A 15 -13.56 6.55 -6.77
C HIS A 15 -14.51 5.36 -6.83
N SER A 16 -14.75 4.70 -5.70
CA SER A 16 -15.75 3.64 -5.67
C SER A 16 -17.15 4.20 -5.84
N PHE A 17 -17.42 5.36 -5.23
CA PHE A 17 -18.70 6.04 -5.47
C PHE A 17 -18.75 6.67 -6.84
N THR A 18 -17.62 7.18 -7.33
CA THR A 18 -17.58 7.79 -8.65
C THR A 18 -18.01 6.79 -9.72
N VAL A 19 -17.53 5.55 -9.63
CA VAL A 19 -17.90 4.54 -10.60
C VAL A 19 -19.28 3.97 -10.34
N LYS A 20 -19.76 4.02 -9.09
CA LYS A 20 -21.10 3.54 -8.80
C LYS A 20 -22.16 4.47 -9.40
N GLU A 21 -21.91 5.79 -9.34
CA GLU A 21 -22.84 6.73 -9.96
C GLU A 21 -22.84 6.59 -11.47
N PHE A 22 -21.67 6.43 -12.07
CA PHE A 22 -21.58 6.30 -13.52
C PHE A 22 -22.38 5.12 -14.03
N LEU A 23 -22.25 3.96 -13.37
CA LEU A 23 -22.98 2.77 -13.79
C LEU A 23 -24.48 2.95 -13.62
N SER A 24 -24.90 3.57 -12.50
CA SER A 24 -26.31 3.77 -12.24
C SER A 24 -26.93 4.75 -13.23
N GLU A 25 -26.18 5.77 -13.65
CA GLU A 25 -26.70 6.78 -14.57
C GLU A 25 -26.73 6.32 -16.02
N ASN A 26 -26.28 5.09 -16.30
CA ASN A 26 -26.40 4.52 -17.64
C ASN A 26 -27.24 3.24 -17.62
N ASN A 27 -28.03 3.03 -16.57
CA ASN A 27 -28.92 1.88 -16.44
C ASN A 27 -28.15 0.57 -16.55
N VAL A 28 -27.05 0.50 -15.81
CA VAL A 28 -26.19 -0.68 -15.77
C VAL A 28 -26.38 -1.38 -14.44
N GLU A 29 -26.65 -2.68 -14.50
CA GLU A 29 -26.77 -3.49 -13.30
C GLU A 29 -25.41 -4.04 -12.90
N PHE A 30 -25.14 -4.07 -11.60
CA PHE A 30 -23.88 -4.57 -11.09
C PHE A 30 -24.07 -5.07 -9.68
N THR A 31 -23.19 -5.99 -9.28
CA THR A 31 -23.12 -6.48 -7.91
C THR A 31 -21.99 -5.76 -7.19
N GLU A 32 -22.34 -4.99 -6.16
CA GLU A 32 -21.34 -4.28 -5.36
C GLU A 32 -20.85 -5.19 -4.23
N LYS A 33 -19.54 -5.39 -4.17
CA LYS A 33 -18.91 -6.17 -3.11
C LYS A 33 -17.95 -5.25 -2.36
N ASN A 34 -18.39 -4.72 -1.23
CA ASN A 34 -17.58 -3.80 -0.44
C ASN A 34 -16.62 -4.59 0.44
N ILE A 35 -15.32 -4.38 0.23
CA ILE A 35 -14.30 -5.18 0.92
C ILE A 35 -14.11 -4.79 2.38
N GLN A 36 -14.80 -3.76 2.86
CA GLN A 36 -14.73 -3.41 4.28
C GLN A 36 -15.79 -4.12 5.12
N THR A 37 -16.75 -4.79 4.47
CA THR A 37 -17.69 -5.66 5.15
C THR A 37 -17.74 -7.06 4.55
N ASP A 38 -17.26 -7.25 3.33
CA ASP A 38 -17.24 -8.55 2.68
C ASP A 38 -15.85 -9.15 2.80
N ALA A 39 -15.75 -10.24 3.55
CA ALA A 39 -14.46 -10.91 3.69
C ALA A 39 -14.18 -11.81 2.50
N ALA A 40 -15.21 -12.36 1.86
CA ALA A 40 -15.00 -13.21 0.71
C ALA A 40 -14.55 -12.40 -0.50
N ALA A 41 -15.10 -11.20 -0.67
CA ALA A 41 -14.66 -10.33 -1.77
C ALA A 41 -13.25 -9.83 -1.52
N ARG A 42 -12.96 -9.39 -0.30
CA ARG A 42 -11.61 -8.98 0.05
C ARG A 42 -10.61 -10.11 -0.15
N LYS A 43 -11.00 -11.34 0.18
CA LYS A 43 -10.11 -12.48 0.04
C LYS A 43 -9.80 -12.78 -1.42
N GLU A 44 -10.84 -12.79 -2.27
CA GLU A 44 -10.61 -13.07 -3.69
C GLU A 44 -9.81 -11.95 -4.34
N LEU A 45 -10.06 -10.71 -3.95
CA LEU A 45 -9.28 -9.60 -4.50
C LEU A 45 -7.81 -9.75 -4.13
N MET A 46 -7.52 -10.22 -2.92
CA MET A 46 -6.15 -10.50 -2.56
C MET A 46 -5.59 -11.70 -3.32
N LYS A 47 -6.44 -12.62 -3.76
CA LYS A 47 -5.98 -13.84 -4.43
C LYS A 47 -5.24 -13.50 -5.72
N LYS A 48 -5.75 -12.56 -6.51
CA LYS A 48 -5.13 -12.17 -7.75
C LYS A 48 -4.31 -10.89 -7.63
N GLY A 49 -3.97 -10.50 -6.40
CA GLY A 49 -2.92 -9.52 -6.16
C GLY A 49 -3.20 -8.12 -6.64
N ILE A 50 -4.46 -7.69 -6.64
CA ILE A 50 -4.82 -6.35 -7.09
C ILE A 50 -4.81 -5.42 -5.88
N MET A 51 -3.83 -4.51 -5.83
CA MET A 51 -3.71 -3.55 -4.75
C MET A 51 -4.26 -2.20 -5.18
N ALA A 52 -5.57 -2.15 -5.35
CA ALA A 52 -6.22 -0.94 -5.81
C ALA A 52 -7.72 -1.06 -5.61
N VAL A 53 -8.38 0.10 -5.62
CA VAL A 53 -9.83 0.22 -5.45
C VAL A 53 -10.28 1.43 -6.26
N PRO A 54 -11.39 1.35 -7.02
CA PRO A 54 -12.27 0.19 -7.15
C PRO A 54 -11.88 -0.73 -8.30
N VAL A 55 -12.36 -1.97 -8.22
CA VAL A 55 -12.13 -2.98 -9.25
C VAL A 55 -13.45 -3.25 -9.96
N ILE A 56 -13.42 -3.18 -11.29
CA ILE A 56 -14.60 -3.45 -12.10
C ILE A 56 -14.32 -4.68 -12.92
N GLN A 57 -15.06 -5.76 -12.66
CA GLN A 57 -14.93 -7.02 -13.38
C GLN A 57 -16.05 -7.07 -14.42
N ILE A 58 -15.71 -6.81 -15.68
CA ILE A 58 -16.70 -6.89 -16.74
C ILE A 58 -16.57 -8.24 -17.44
N ASP A 59 -17.24 -9.23 -16.85
CA ASP A 59 -17.53 -10.57 -17.36
C ASP A 59 -16.34 -11.51 -17.48
N GLU A 60 -15.15 -11.00 -17.79
CA GLU A 60 -13.89 -11.74 -17.64
C GLU A 60 -12.76 -10.77 -17.36
N GLU A 61 -12.90 -9.54 -17.85
CA GLU A 61 -11.85 -8.54 -17.84
C GLU A 61 -12.01 -7.66 -16.61
N VAL A 62 -10.88 -7.14 -16.13
CA VAL A 62 -10.86 -6.30 -14.93
C VAL A 62 -10.44 -4.90 -15.35
N VAL A 63 -11.13 -3.89 -14.82
CA VAL A 63 -10.75 -2.50 -14.95
C VAL A 63 -10.31 -2.04 -13.56
N VAL A 64 -9.11 -1.46 -13.49
CA VAL A 64 -8.55 -1.02 -12.22
C VAL A 64 -8.70 0.50 -12.19
N GLY A 65 -9.52 0.98 -11.26
CA GLY A 65 -9.82 2.39 -11.20
C GLY A 65 -10.93 2.78 -12.17
N PHE A 66 -11.48 3.96 -11.94
CA PHE A 66 -12.59 4.47 -12.74
C PHE A 66 -12.05 5.01 -14.06
N ASP A 67 -11.71 4.08 -14.95
CA ASP A 67 -11.36 4.42 -16.32
C ASP A 67 -12.65 4.40 -17.14
N ARG A 68 -13.33 5.56 -17.15
CA ARG A 68 -14.64 5.65 -17.79
C ARG A 68 -14.57 5.27 -19.26
N ASP A 69 -13.48 5.65 -19.94
CA ASP A 69 -13.35 5.33 -21.35
C ASP A 69 -13.25 3.83 -21.59
N LYS A 70 -12.66 3.10 -20.65
CA LYS A 70 -12.58 1.64 -20.78
C LYS A 70 -13.90 0.98 -20.39
N ILE A 71 -14.60 1.53 -19.40
CA ILE A 71 -15.87 0.94 -18.97
C ILE A 71 -16.90 1.03 -20.09
N GLU A 72 -17.03 2.22 -20.69
CA GLU A 72 -18.01 2.40 -21.76
C GLU A 72 -17.72 1.51 -22.96
N GLU A 73 -16.47 1.10 -23.14
CA GLU A 73 -16.13 0.21 -24.24
C GLU A 73 -16.52 -1.23 -23.92
N LEU A 74 -16.12 -1.72 -22.75
CA LEU A 74 -16.42 -3.10 -22.39
C LEU A 74 -17.92 -3.36 -22.37
N LEU A 75 -18.70 -2.42 -21.84
CA LEU A 75 -20.15 -2.56 -21.85
C LEU A 75 -20.73 -2.30 -23.23
N GLY A 76 -19.97 -1.68 -24.13
CA GLY A 76 -20.43 -1.40 -25.48
C GLY A 76 -20.82 0.04 -25.70
N GLU B 4 9.19 -24.31 -1.18
CA GLU B 4 10.53 -23.75 -1.26
C GLU B 4 10.51 -22.22 -1.14
N VAL B 5 9.46 -21.70 -0.53
CA VAL B 5 9.25 -20.26 -0.42
C VAL B 5 9.63 -19.81 0.98
N ILE B 6 10.50 -18.80 1.07
CA ILE B 6 10.91 -18.20 2.33
C ILE B 6 10.66 -16.70 2.24
N VAL B 7 9.71 -16.20 3.03
CA VAL B 7 9.32 -14.80 3.01
C VAL B 7 9.89 -14.12 4.24
N TYR B 8 10.58 -13.00 4.03
CA TYR B 8 11.09 -12.17 5.11
C TYR B 8 10.11 -11.04 5.36
N THR B 9 9.65 -10.91 6.60
CA THR B 9 8.70 -9.87 6.96
C THR B 9 9.12 -9.23 8.28
N SER B 10 8.37 -8.22 8.67
CA SER B 10 8.42 -7.58 9.97
C SER B 10 7.02 -7.62 10.57
N ASN B 11 6.88 -7.04 11.77
CA ASN B 11 5.55 -6.90 12.37
C ASN B 11 4.89 -5.62 11.87
N THR B 12 4.73 -5.58 10.55
CA THR B 12 4.28 -4.41 9.81
C THR B 12 2.89 -4.65 9.26
N CYS B 13 2.06 -3.60 9.24
CA CYS B 13 0.78 -3.62 8.53
C CYS B 13 0.80 -2.52 7.48
N PRO B 14 0.54 -2.84 6.21
CA PRO B 14 0.58 -1.81 5.17
C PRO B 14 -0.50 -0.75 5.39
N HIS B 15 -0.17 0.49 5.03
CA HIS B 15 -1.05 1.63 5.21
C HIS B 15 -1.58 2.16 3.88
N SER B 16 -0.70 2.47 2.94
CA SER B 16 -1.04 2.71 1.53
C SER B 16 -1.98 3.92 1.36
N PHE B 17 -1.41 5.10 1.63
CA PHE B 17 -1.94 6.34 1.10
C PHE B 17 -1.33 6.60 -0.27
N THR B 18 -1.73 7.70 -0.90
CA THR B 18 -1.25 8.04 -2.24
C THR B 18 -0.15 9.08 -2.19
N VAL B 19 0.45 9.32 -3.35
CA VAL B 19 1.54 10.29 -3.45
C VAL B 19 1.00 11.71 -3.37
N LYS B 20 -0.20 11.96 -3.89
CA LYS B 20 -0.75 13.31 -3.88
C LYS B 20 -0.93 13.81 -2.45
N GLU B 21 -1.40 12.95 -1.55
CA GLU B 21 -1.47 13.34 -0.15
C GLU B 21 -0.08 13.59 0.41
N PHE B 22 0.92 12.85 -0.07
CA PHE B 22 2.29 13.04 0.41
C PHE B 22 2.81 14.41 0.01
N LEU B 23 2.70 14.77 -1.27
CA LEU B 23 3.17 16.08 -1.71
C LEU B 23 2.34 17.21 -1.11
N SER B 24 1.02 16.99 -0.99
CA SER B 24 0.16 18.03 -0.43
C SER B 24 0.50 18.27 1.04
N GLU B 25 0.88 17.23 1.78
CA GLU B 25 1.19 17.40 3.19
C GLU B 25 2.56 18.04 3.42
N ASN B 26 3.41 18.06 2.41
CA ASN B 26 4.67 18.80 2.46
C ASN B 26 4.56 20.15 1.78
N ASN B 27 3.33 20.62 1.53
CA ASN B 27 3.05 21.92 0.94
C ASN B 27 3.81 22.12 -0.38
N VAL B 28 3.99 21.04 -1.12
CA VAL B 28 4.64 21.08 -2.43
C VAL B 28 3.56 21.24 -3.49
N GLU B 29 3.59 22.37 -4.19
CA GLU B 29 2.61 22.61 -5.25
C GLU B 29 2.93 21.75 -6.46
N PHE B 30 1.88 21.26 -7.11
CA PHE B 30 2.02 20.32 -8.22
C PHE B 30 0.79 20.39 -9.10
N THR B 31 0.95 19.96 -10.34
CA THR B 31 -0.18 19.78 -11.25
C THR B 31 -0.39 18.29 -11.48
N GLU B 32 -1.64 17.88 -11.58
CA GLU B 32 -2.01 16.47 -11.66
C GLU B 32 -2.44 16.12 -13.08
N LYS B 33 -1.90 15.04 -13.62
CA LYS B 33 -2.23 14.54 -14.95
C LYS B 33 -2.84 13.14 -14.80
N ASN B 34 -4.16 13.10 -14.67
CA ASN B 34 -4.89 11.85 -14.44
C ASN B 34 -5.00 11.10 -15.77
N ILE B 35 -4.35 9.93 -15.84
CA ILE B 35 -4.33 9.17 -17.09
C ILE B 35 -5.64 8.44 -17.35
N GLN B 36 -6.64 8.56 -16.47
CA GLN B 36 -7.90 7.89 -16.65
C GLN B 36 -9.06 8.84 -16.98
N THR B 37 -8.87 10.14 -16.82
CA THR B 37 -9.88 11.13 -17.15
C THR B 37 -9.42 12.19 -18.14
N ASP B 38 -8.14 12.53 -18.14
CA ASP B 38 -7.60 13.54 -19.04
C ASP B 38 -7.10 12.88 -20.31
N ALA B 39 -7.49 13.44 -21.46
CA ALA B 39 -7.08 12.87 -22.73
C ALA B 39 -5.58 13.00 -22.96
N ALA B 40 -5.02 14.18 -22.68
CA ALA B 40 -3.59 14.39 -22.87
C ALA B 40 -2.75 13.57 -21.90
N ALA B 41 -3.27 13.33 -20.70
CA ALA B 41 -2.47 12.67 -19.67
C ALA B 41 -2.16 11.22 -20.04
N ARG B 42 -3.04 10.56 -20.79
CA ARG B 42 -2.80 9.18 -21.15
C ARG B 42 -1.74 9.05 -22.24
N LYS B 43 -1.50 10.10 -23.03
CA LYS B 43 -0.58 9.94 -24.16
C LYS B 43 0.87 10.17 -23.76
N GLU B 44 1.14 11.14 -22.86
CA GLU B 44 2.51 11.40 -22.43
C GLU B 44 3.12 10.18 -21.74
N LEU B 45 2.32 9.44 -20.97
CA LEU B 45 2.86 8.31 -20.23
C LEU B 45 3.22 7.16 -21.16
N MET B 46 2.37 6.86 -22.13
CA MET B 46 2.73 5.83 -23.09
C MET B 46 3.83 6.29 -24.04
N LYS B 47 4.09 7.61 -24.12
CA LYS B 47 5.21 8.11 -24.91
C LYS B 47 6.55 7.80 -24.24
N LYS B 48 6.67 8.08 -22.94
CA LYS B 48 7.93 7.88 -22.23
C LYS B 48 8.23 6.41 -21.97
N GLY B 49 7.39 5.50 -22.45
CA GLY B 49 7.63 4.09 -22.26
C GLY B 49 7.30 3.57 -20.88
N ILE B 50 6.18 4.02 -20.30
CA ILE B 50 5.73 3.58 -18.99
C ILE B 50 4.24 3.34 -19.04
N MET B 51 3.80 2.25 -18.40
CA MET B 51 2.39 2.02 -18.10
C MET B 51 2.32 1.59 -16.64
N ALA B 52 2.25 2.59 -15.76
CA ALA B 52 2.21 2.38 -14.32
C ALA B 52 1.96 3.73 -13.67
N VAL B 53 1.30 3.71 -12.51
CA VAL B 53 1.09 4.91 -11.73
C VAL B 53 1.53 4.63 -10.29
N PRO B 54 2.10 5.60 -9.59
CA PRO B 54 2.27 6.98 -10.05
C PRO B 54 3.55 7.21 -10.84
N VAL B 55 3.62 8.36 -11.50
CA VAL B 55 4.85 8.83 -12.13
C VAL B 55 5.00 10.30 -11.79
N ILE B 56 6.13 10.67 -11.18
CA ILE B 56 6.39 12.04 -10.74
C ILE B 56 7.61 12.56 -11.47
N GLN B 57 7.53 13.81 -11.95
CA GLN B 57 8.57 14.44 -12.76
C GLN B 57 8.96 15.79 -12.17
N ILE B 58 10.27 16.04 -12.06
CA ILE B 58 10.80 17.34 -11.63
C ILE B 58 11.90 17.74 -12.61
N ASP B 59 11.51 18.43 -13.68
CA ASP B 59 12.32 19.26 -14.59
C ASP B 59 13.30 18.54 -15.52
N GLU B 60 13.79 17.37 -15.16
CA GLU B 60 14.47 16.50 -16.12
C GLU B 60 14.30 15.05 -15.69
N GLU B 61 13.99 14.88 -14.41
CA GLU B 61 14.12 13.59 -13.73
C GLU B 61 12.73 13.03 -13.49
N VAL B 62 12.58 11.73 -13.77
CA VAL B 62 11.31 11.03 -13.67
C VAL B 62 11.49 9.88 -12.68
N VAL B 63 10.59 9.80 -11.70
CA VAL B 63 10.55 8.68 -10.76
C VAL B 63 9.31 7.85 -11.07
N VAL B 64 9.49 6.55 -11.29
CA VAL B 64 8.41 5.65 -11.65
C VAL B 64 7.95 4.94 -10.39
N GLY B 65 6.64 4.96 -10.14
CA GLY B 65 6.11 4.44 -8.89
C GLY B 65 6.45 5.33 -7.71
N PHE B 66 5.91 5.02 -6.54
CA PHE B 66 6.17 5.80 -5.34
C PHE B 66 7.52 5.37 -4.76
N ASP B 67 8.56 6.16 -5.03
CA ASP B 67 9.87 6.00 -4.42
C ASP B 67 10.02 7.16 -3.44
N ARG B 68 9.76 6.87 -2.16
CA ARG B 68 9.60 7.95 -1.18
C ARG B 68 10.90 8.73 -0.99
N ASP B 69 12.03 8.03 -0.86
CA ASP B 69 13.25 8.72 -0.50
C ASP B 69 13.93 9.40 -1.69
N LYS B 70 13.79 8.85 -2.90
CA LYS B 70 14.29 9.56 -4.07
C LYS B 70 13.49 10.84 -4.31
N ILE B 71 12.18 10.79 -4.07
CA ILE B 71 11.37 12.00 -4.06
C ILE B 71 11.77 12.91 -2.90
N GLU B 72 12.13 12.32 -1.77
CA GLU B 72 12.39 13.09 -0.56
C GLU B 72 13.62 13.99 -0.70
N GLU B 73 14.68 13.47 -1.31
CA GLU B 73 15.92 14.24 -1.40
C GLU B 73 15.98 15.13 -2.63
N LEU B 74 15.17 14.87 -3.65
CA LEU B 74 15.02 15.83 -4.74
C LEU B 74 14.28 17.09 -4.31
N LEU B 75 13.75 17.12 -3.09
CA LEU B 75 13.06 18.29 -2.55
C LEU B 75 13.46 18.64 -1.13
N GLY B 76 14.01 17.71 -0.35
CA GLY B 76 14.39 18.00 1.03
C GLY B 76 13.35 17.57 2.05
N GLU C 4 7.21 10.26 27.02
CA GLU C 4 6.99 11.10 25.84
C GLU C 4 6.98 10.30 24.55
N VAL C 5 6.46 9.09 24.61
CA VAL C 5 6.43 8.22 23.45
C VAL C 5 5.02 8.23 22.88
N ILE C 6 4.94 8.08 21.56
CA ILE C 6 3.70 8.15 20.82
C ILE C 6 3.59 6.89 19.96
N VAL C 7 2.38 6.34 19.88
CA VAL C 7 2.12 5.11 19.14
C VAL C 7 1.00 5.39 18.13
N TYR C 8 1.29 5.15 16.85
CA TYR C 8 0.31 5.31 15.78
C TYR C 8 -0.26 3.93 15.45
N THR C 9 -1.57 3.76 15.65
CA THR C 9 -2.19 2.45 15.57
C THR C 9 -3.43 2.49 14.70
N SER C 10 -3.85 1.30 14.29
CA SER C 10 -5.17 1.05 13.71
C SER C 10 -5.66 -0.28 14.24
N ASN C 11 -6.98 -0.47 14.19
CA ASN C 11 -7.59 -1.66 14.79
C ASN C 11 -7.58 -2.85 13.84
N THR C 12 -7.51 -2.62 12.52
CA THR C 12 -7.39 -3.74 11.60
C THR C 12 -6.01 -4.39 11.68
N CYS C 13 -5.03 -3.71 12.27
CA CYS C 13 -3.66 -4.21 12.33
C CYS C 13 -3.46 -4.95 13.64
N PRO C 14 -3.07 -6.22 13.62
CA PRO C 14 -2.84 -6.93 14.90
C PRO C 14 -1.58 -6.48 15.62
N HIS C 15 -0.54 -6.08 14.90
CA HIS C 15 0.70 -5.62 15.54
C HIS C 15 0.52 -4.33 16.32
N SER C 16 -0.54 -3.56 16.03
CA SER C 16 -0.83 -2.36 16.80
C SER C 16 -1.25 -2.70 18.22
N PHE C 17 -1.88 -3.85 18.41
CA PHE C 17 -2.24 -4.34 19.74
C PHE C 17 -1.08 -5.06 20.39
N THR C 18 -0.27 -5.73 19.57
CA THR C 18 0.91 -6.39 20.05
C THR C 18 1.84 -5.42 20.74
N VAL C 19 1.95 -4.19 20.20
CA VAL C 19 2.85 -3.20 20.78
C VAL C 19 2.20 -2.51 21.99
N LYS C 20 0.87 -2.36 22.00
CA LYS C 20 0.20 -1.74 23.14
C LYS C 20 0.28 -2.63 24.38
N GLU C 21 0.18 -3.95 24.19
CA GLU C 21 0.31 -4.87 25.32
C GLU C 21 1.73 -4.82 25.89
N PHE C 22 2.73 -4.90 25.03
CA PHE C 22 4.12 -4.83 25.48
C PHE C 22 4.42 -3.52 26.19
N LEU C 23 3.77 -2.44 25.77
CA LEU C 23 4.00 -1.15 26.42
C LEU C 23 3.40 -1.12 27.81
N SER C 24 2.17 -1.62 27.97
CA SER C 24 1.52 -1.60 29.27
C SER C 24 2.17 -2.57 30.26
N GLU C 25 2.70 -3.68 29.76
CA GLU C 25 3.33 -4.68 30.62
C GLU C 25 4.74 -4.29 31.04
N ASN C 26 5.14 -3.03 30.84
CA ASN C 26 6.42 -2.55 31.35
C ASN C 26 6.31 -1.15 31.93
N ASN C 27 5.12 -0.74 32.36
CA ASN C 27 4.88 0.56 32.99
C ASN C 27 5.33 1.71 32.10
N VAL C 28 4.91 1.65 30.83
CA VAL C 28 5.27 2.64 29.83
C VAL C 28 4.01 3.41 29.45
N GLU C 29 3.97 4.69 29.81
CA GLU C 29 2.87 5.55 29.39
C GLU C 29 3.12 6.04 27.97
N PHE C 30 2.07 6.00 27.16
CA PHE C 30 2.19 6.37 25.76
C PHE C 30 0.91 7.07 25.30
N THR C 31 1.07 7.94 24.32
CA THR C 31 -0.06 8.58 23.65
C THR C 31 -0.47 7.74 22.45
N GLU C 32 -1.68 7.21 22.47
CA GLU C 32 -2.20 6.47 21.33
C GLU C 32 -2.93 7.43 20.39
N LYS C 33 -2.58 7.39 19.11
CA LYS C 33 -3.19 8.24 18.09
C LYS C 33 -3.64 7.33 16.96
N ASN C 34 -4.87 6.81 17.08
CA ASN C 34 -5.41 5.90 16.09
C ASN C 34 -5.72 6.67 14.81
N ILE C 35 -5.15 6.20 13.70
CA ILE C 35 -5.27 6.93 12.43
C ILE C 35 -6.63 6.81 11.79
N GLN C 36 -7.50 5.93 12.29
CA GLN C 36 -8.86 5.81 11.78
C GLN C 36 -9.82 6.80 12.43
N THR C 37 -9.41 7.46 13.50
CA THR C 37 -10.24 8.46 14.18
C THR C 37 -9.57 9.83 14.26
N ASP C 38 -8.27 9.88 14.47
CA ASP C 38 -7.52 11.13 14.54
C ASP C 38 -7.03 11.48 13.14
N ALA C 39 -7.73 12.40 12.49
CA ALA C 39 -7.31 12.83 11.16
C ALA C 39 -5.96 13.53 11.19
N ALA C 40 -5.66 14.24 12.29
CA ALA C 40 -4.36 14.90 12.40
C ALA C 40 -3.23 13.89 12.51
N ALA C 41 -3.46 12.80 13.26
CA ALA C 41 -2.45 11.75 13.36
C ALA C 41 -2.30 11.02 12.03
N ARG C 42 -3.41 10.70 11.38
CA ARG C 42 -3.36 10.12 10.05
C ARG C 42 -2.59 11.03 9.09
N LYS C 43 -2.77 12.34 9.22
CA LYS C 43 -2.10 13.27 8.32
C LYS C 43 -0.62 13.39 8.64
N GLU C 44 -0.27 13.41 9.92
CA GLU C 44 1.14 13.48 10.30
C GLU C 44 1.91 12.26 9.81
N LEU C 45 1.25 11.11 9.76
CA LEU C 45 1.91 9.91 9.25
C LEU C 45 2.16 10.01 7.76
N MET C 46 1.32 10.77 7.04
CA MET C 46 1.50 10.94 5.61
C MET C 46 2.56 11.98 5.28
N LYS C 47 2.84 12.91 6.18
CA LYS C 47 3.86 13.94 5.92
C LYS C 47 5.24 13.32 5.83
N LYS C 48 5.58 12.44 6.78
CA LYS C 48 6.87 11.74 6.77
C LYS C 48 6.85 10.51 5.87
N GLY C 49 5.76 10.24 5.16
CA GLY C 49 5.74 9.23 4.13
C GLY C 49 5.82 7.80 4.60
N ILE C 50 5.46 7.52 5.85
CA ILE C 50 5.52 6.18 6.41
C ILE C 50 4.23 5.44 6.05
N MET C 51 4.36 4.33 5.32
CA MET C 51 3.21 3.58 4.82
C MET C 51 3.02 2.27 5.58
N ALA C 52 3.27 2.29 6.89
CA ALA C 52 3.14 1.08 7.68
C ALA C 52 2.70 1.44 9.08
N VAL C 53 2.14 0.44 9.77
CA VAL C 53 1.73 0.59 11.17
C VAL C 53 2.04 -0.70 11.91
N PRO C 54 2.26 -0.62 13.23
CA PRO C 54 2.25 0.58 14.08
C PRO C 54 3.53 1.41 13.98
N VAL C 55 3.45 2.67 14.40
CA VAL C 55 4.59 3.58 14.40
C VAL C 55 4.80 4.05 15.83
N ILE C 56 5.97 3.76 16.39
CA ILE C 56 6.32 4.16 17.74
C ILE C 56 7.40 5.23 17.66
N GLN C 57 7.11 6.41 18.19
CA GLN C 57 8.02 7.55 18.16
C GLN C 57 8.51 7.80 19.58
N ILE C 58 9.75 7.36 19.87
CA ILE C 58 10.35 7.62 21.19
C ILE C 58 11.18 8.89 21.05
N ASP C 59 10.47 10.03 21.09
CA ASP C 59 10.97 11.35 21.42
C ASP C 59 11.96 11.95 20.42
N GLU C 60 12.65 11.13 19.64
CA GLU C 60 13.53 11.65 18.62
C GLU C 60 13.55 10.72 17.41
N GLU C 61 13.29 9.44 17.68
CA GLU C 61 13.49 8.38 16.71
C GLU C 61 12.20 7.60 16.55
N VAL C 62 12.03 7.01 15.38
CA VAL C 62 10.80 6.34 14.99
C VAL C 62 11.10 4.87 14.77
N VAL C 63 10.25 4.01 15.34
CA VAL C 63 10.34 2.56 15.17
C VAL C 63 9.08 2.14 14.45
N VAL C 64 9.24 1.64 13.23
CA VAL C 64 8.11 1.17 12.42
C VAL C 64 7.95 -0.32 12.65
N GLY C 65 6.81 -0.72 13.20
CA GLY C 65 6.55 -2.11 13.52
C GLY C 65 6.95 -2.45 14.94
N PHE C 66 6.47 -3.60 15.39
CA PHE C 66 6.76 -4.06 16.76
C PHE C 66 8.09 -4.80 16.75
N ASP C 67 9.17 -4.01 16.80
CA ASP C 67 10.52 -4.53 16.99
C ASP C 67 10.84 -4.39 18.47
N ARG C 68 10.54 -5.44 19.24
CA ARG C 68 10.74 -5.41 20.69
C ARG C 68 12.19 -5.07 21.04
N ASP C 69 13.15 -5.54 20.23
CA ASP C 69 14.55 -5.29 20.53
C ASP C 69 14.86 -3.79 20.54
N LYS C 70 14.45 -3.07 19.49
CA LYS C 70 14.74 -1.65 19.42
C LYS C 70 13.93 -0.86 20.45
N ILE C 71 12.65 -1.21 20.62
CA ILE C 71 11.80 -0.46 21.53
C ILE C 71 12.39 -0.46 22.94
N GLU C 72 12.74 -1.65 23.45
CA GLU C 72 13.37 -1.71 24.76
C GLU C 72 14.76 -1.10 24.77
N GLU C 73 15.43 -1.06 23.62
CA GLU C 73 16.73 -0.41 23.54
C GLU C 73 16.59 1.10 23.71
N LEU C 74 15.68 1.71 22.96
CA LEU C 74 15.43 3.15 23.09
C LEU C 74 14.77 3.51 24.41
N LEU C 75 14.51 2.54 25.29
CA LEU C 75 13.99 2.82 26.62
C LEU C 75 14.85 2.20 27.72
N GLY C 76 16.04 1.69 27.37
CA GLY C 76 16.90 1.04 28.34
C GLY C 76 16.46 -0.37 28.68
N GLU D 4 7.05 22.90 -10.28
CA GLU D 4 7.86 22.11 -11.18
C GLU D 4 7.65 20.61 -10.94
N VAL D 5 6.46 20.26 -10.43
CA VAL D 5 6.12 18.90 -10.06
C VAL D 5 4.89 18.48 -10.85
N ILE D 6 5.01 17.37 -11.60
CA ILE D 6 3.91 16.82 -12.38
C ILE D 6 3.69 15.39 -11.93
N VAL D 7 2.48 15.08 -11.48
CA VAL D 7 2.11 13.77 -10.97
C VAL D 7 1.12 13.12 -11.92
N TYR D 8 1.40 11.87 -12.31
CA TYR D 8 0.51 11.08 -13.15
C TYR D 8 -0.25 10.11 -12.27
N THR D 9 -1.57 10.20 -12.29
CA THR D 9 -2.46 9.50 -11.37
C THR D 9 -3.52 8.74 -12.17
N SER D 10 -4.36 8.02 -11.44
CA SER D 10 -5.54 7.36 -11.98
C SER D 10 -6.63 7.44 -10.93
N ASN D 11 -7.86 7.12 -11.34
CA ASN D 11 -9.02 7.18 -10.43
C ASN D 11 -9.05 5.94 -9.54
N THR D 12 -7.95 5.76 -8.78
CA THR D 12 -7.74 4.57 -7.98
C THR D 12 -7.26 4.96 -6.58
N CYS D 13 -7.38 4.01 -5.64
CA CYS D 13 -6.96 4.16 -4.25
C CYS D 13 -6.24 2.89 -3.83
N PRO D 14 -5.18 2.99 -3.04
CA PRO D 14 -4.38 1.81 -2.70
C PRO D 14 -5.12 0.89 -1.73
N HIS D 15 -4.69 -0.38 -1.68
CA HIS D 15 -5.46 -1.41 -0.98
C HIS D 15 -4.82 -1.96 0.29
N SER D 16 -3.50 -1.96 0.39
CA SER D 16 -2.78 -2.30 1.62
C SER D 16 -3.01 -3.76 2.06
N PHE D 17 -2.46 -4.69 1.30
CA PHE D 17 -2.35 -6.05 1.82
C PHE D 17 -0.93 -6.58 1.68
N THR D 18 -0.65 -7.67 2.39
CA THR D 18 0.68 -8.24 2.55
C THR D 18 0.91 -9.41 1.59
N VAL D 19 2.19 -9.66 1.32
CA VAL D 19 2.56 -10.79 0.46
C VAL D 19 2.17 -12.11 1.12
N LYS D 20 2.17 -12.16 2.46
CA LYS D 20 1.78 -13.38 3.14
C LYS D 20 0.35 -13.76 2.83
N GLU D 21 -0.56 -12.78 2.79
CA GLU D 21 -1.94 -13.06 2.40
C GLU D 21 -2.02 -13.42 0.93
N PHE D 22 -1.13 -12.88 0.10
CA PHE D 22 -1.15 -13.20 -1.32
C PHE D 22 -0.85 -14.67 -1.56
N LEU D 23 0.24 -15.18 -0.97
CA LEU D 23 0.59 -16.58 -1.14
C LEU D 23 -0.42 -17.49 -0.45
N SER D 24 -0.83 -17.14 0.77
CA SER D 24 -1.75 -17.99 1.51
C SER D 24 -3.08 -18.14 0.81
N GLU D 25 -3.51 -17.13 0.08
CA GLU D 25 -4.77 -17.21 -0.65
C GLU D 25 -4.60 -17.73 -2.07
N ASN D 26 -3.38 -18.09 -2.46
CA ASN D 26 -3.16 -18.94 -3.63
C ASN D 26 -2.67 -20.32 -3.23
N ASN D 27 -2.81 -20.67 -1.94
CA ASN D 27 -2.49 -21.99 -1.40
C ASN D 27 -1.03 -22.36 -1.67
N VAL D 28 -0.13 -21.55 -1.13
CA VAL D 28 1.32 -21.72 -1.27
C VAL D 28 1.90 -21.92 0.12
N GLU D 29 2.68 -22.99 0.29
CA GLU D 29 3.36 -23.25 1.54
C GLU D 29 4.67 -22.47 1.58
N PHE D 30 4.93 -21.82 2.71
CA PHE D 30 6.12 -20.99 2.86
C PHE D 30 6.53 -20.95 4.32
N THR D 31 7.62 -20.25 4.59
CA THR D 31 8.11 -20.02 5.94
C THR D 31 8.32 -18.53 6.13
N GLU D 32 7.74 -17.98 7.20
CA GLU D 32 7.90 -16.56 7.52
C GLU D 32 9.14 -16.39 8.39
N LYS D 33 10.09 -15.58 7.91
CA LYS D 33 11.27 -15.21 8.68
C LYS D 33 11.09 -13.76 9.12
N ASN D 34 10.70 -13.57 10.37
CA ASN D 34 10.36 -12.26 10.89
C ASN D 34 11.63 -11.55 11.38
N ILE D 35 11.98 -10.45 10.70
CA ILE D 35 13.17 -9.69 11.08
C ILE D 35 12.97 -8.84 12.32
N GLN D 36 11.76 -8.80 12.87
CA GLN D 36 11.50 -8.07 14.10
C GLN D 36 11.13 -8.98 15.26
N THR D 37 10.70 -10.21 14.99
CA THR D 37 10.40 -11.19 16.04
C THR D 37 11.52 -12.22 16.17
N ASP D 38 11.88 -12.87 15.08
CA ASP D 38 12.97 -13.83 15.09
C ASP D 38 14.28 -13.06 15.00
N ALA D 39 15.00 -12.96 16.13
CA ALA D 39 16.30 -12.32 16.12
C ALA D 39 17.28 -13.02 15.19
N ALA D 40 16.94 -14.21 14.71
CA ALA D 40 17.81 -14.93 13.78
C ALA D 40 17.60 -14.46 12.34
N ALA D 41 16.34 -14.24 11.94
CA ALA D 41 16.06 -13.82 10.57
C ALA D 41 16.70 -12.48 10.25
N ARG D 42 16.93 -11.64 11.25
CA ARG D 42 17.60 -10.36 11.00
C ARG D 42 19.02 -10.58 10.52
N LYS D 43 19.71 -11.62 11.02
CA LYS D 43 21.05 -11.91 10.55
C LYS D 43 21.05 -12.28 9.07
N GLU D 44 20.14 -13.19 8.68
CA GLU D 44 20.13 -13.67 7.30
C GLU D 44 19.83 -12.55 6.31
N LEU D 45 18.96 -11.62 6.70
CA LEU D 45 18.65 -10.51 5.80
C LEU D 45 19.81 -9.53 5.71
N MET D 46 20.47 -9.24 6.84
CA MET D 46 21.66 -8.41 6.84
C MET D 46 22.84 -9.09 6.16
N LYS D 47 22.72 -10.38 5.82
CA LYS D 47 23.81 -11.11 5.18
C LYS D 47 23.95 -10.73 3.71
N LYS D 48 22.86 -10.86 2.94
CA LYS D 48 22.91 -10.73 1.50
C LYS D 48 22.78 -9.29 1.00
N GLY D 49 23.12 -8.31 1.84
CA GLY D 49 23.13 -6.93 1.40
C GLY D 49 21.76 -6.36 1.06
N ILE D 50 20.73 -6.76 1.81
CA ILE D 50 19.37 -6.27 1.61
C ILE D 50 18.87 -5.72 2.94
N MET D 51 18.35 -4.50 2.92
CA MET D 51 17.89 -3.80 4.12
C MET D 51 16.45 -3.31 3.94
N ALA D 52 15.59 -4.19 3.44
CA ALA D 52 14.19 -3.85 3.22
C ALA D 52 13.36 -5.11 3.30
N VAL D 53 12.07 -4.92 3.58
CA VAL D 53 11.09 -6.00 3.57
C VAL D 53 9.88 -5.54 2.75
N PRO D 54 9.14 -6.45 2.11
CA PRO D 54 9.30 -7.90 2.15
C PRO D 54 10.46 -8.42 1.30
N VAL D 55 10.90 -9.64 1.59
CA VAL D 55 11.91 -10.33 0.79
C VAL D 55 11.44 -11.77 0.61
N ILE D 56 11.25 -12.17 -0.65
CA ILE D 56 10.70 -13.49 -0.98
C ILE D 56 11.71 -14.23 -1.83
N GLN D 57 12.27 -15.31 -1.28
CA GLN D 57 13.22 -16.18 -1.98
C GLN D 57 12.48 -17.39 -2.52
N ILE D 58 12.65 -17.66 -3.82
CA ILE D 58 11.94 -18.75 -4.50
C ILE D 58 12.95 -19.50 -5.35
N ASP D 59 13.50 -20.57 -4.77
CA ASP D 59 14.24 -21.69 -5.36
C ASP D 59 15.68 -21.43 -5.81
N GLU D 60 16.00 -20.24 -6.29
CA GLU D 60 17.38 -19.74 -6.32
C GLU D 60 17.38 -18.23 -6.18
N GLU D 61 16.31 -17.62 -6.67
CA GLU D 61 16.26 -16.19 -6.93
C GLU D 61 15.47 -15.48 -5.83
N VAL D 62 15.77 -14.22 -5.63
CA VAL D 62 15.16 -13.43 -4.56
C VAL D 62 14.32 -12.33 -5.20
N VAL D 63 13.05 -12.29 -4.83
CA VAL D 63 12.18 -11.16 -5.18
C VAL D 63 12.29 -10.13 -4.06
N VAL D 64 13.01 -9.05 -4.32
CA VAL D 64 13.15 -8.00 -3.32
C VAL D 64 11.96 -7.06 -3.42
N GLY D 65 11.39 -6.71 -2.27
CA GLY D 65 10.14 -5.97 -2.28
C GLY D 65 9.01 -6.88 -2.74
N PHE D 66 7.85 -6.26 -2.94
CA PHE D 66 6.68 -6.96 -3.44
C PHE D 66 6.51 -6.61 -4.92
N ASP D 67 7.19 -7.37 -5.77
CA ASP D 67 6.98 -7.29 -7.22
C ASP D 67 5.79 -8.18 -7.55
N ARG D 68 4.63 -7.56 -7.78
CA ARG D 68 3.41 -8.31 -8.00
C ARG D 68 3.41 -9.13 -9.28
N ASP D 69 4.49 -9.08 -10.07
CA ASP D 69 4.53 -9.81 -11.32
C ASP D 69 5.75 -10.71 -11.42
N LYS D 70 6.85 -10.33 -10.76
CA LYS D 70 7.97 -11.25 -10.65
C LYS D 70 7.55 -12.51 -9.93
N ILE D 71 6.99 -12.36 -8.72
CA ILE D 71 6.46 -13.52 -7.99
C ILE D 71 5.53 -14.34 -8.87
N GLU D 72 4.76 -13.66 -9.73
CA GLU D 72 3.97 -14.38 -10.72
C GLU D 72 4.87 -15.13 -11.71
N GLU D 73 5.99 -14.51 -12.08
CA GLU D 73 6.89 -15.12 -13.07
C GLU D 73 7.54 -16.39 -12.53
N LEU D 74 8.12 -16.31 -11.33
CA LEU D 74 8.79 -17.46 -10.74
C LEU D 74 7.83 -18.51 -10.19
N LEU D 75 6.52 -18.34 -10.35
CA LEU D 75 5.54 -19.32 -9.94
C LEU D 75 4.49 -19.54 -11.04
N GLY D 76 3.40 -20.23 -10.70
CA GLY D 76 2.33 -20.47 -11.64
C GLY D 76 1.60 -19.20 -12.04
#